data_2MJJ
#
_entry.id   2MJJ
#
_entity_poly.entity_id   1
_entity_poly.type   'polydeoxyribonucleotide'
_entity_poly.pdbx_seq_one_letter_code
;(DG)(DG)(DG)(DA)(DG)(DC)(DG)(DA)(DG)(DG)(DG)(DA)(DG)(DC)(DG)
;
_entity_poly.pdbx_strand_id   A,B
#
loop_
_chem_comp.id
_chem_comp.type
_chem_comp.name
_chem_comp.formula
DA DNA linking 2'-DEOXYADENOSINE-5'-MONOPHOSPHATE 'C10 H14 N5 O6 P'
DC DNA linking 2'-DEOXYCYTIDINE-5'-MONOPHOSPHATE 'C9 H14 N3 O7 P'
DG DNA linking 2'-DEOXYGUANOSINE-5'-MONOPHOSPHATE 'C10 H14 N5 O7 P'
#